data_7NRL
#
_entry.id   7NRL
#
_cell.length_a   82.577
_cell.length_b   112.599
_cell.length_c   62.595
_cell.angle_alpha   90.000
_cell.angle_beta   90.000
_cell.angle_gamma   90.000
#
_symmetry.space_group_name_H-M   'C 2 2 21'
#
loop_
_entity.id
_entity.type
_entity.pdbx_description
1 polymer '14-3-3 protein sigma'
2 polymer 'Peptidyl-prolyl cis-trans isomerase NIMA-interacting 1'
3 non-polymer 2-(hydroxymethyl)-5-(2-phenylimidazol-1-yl)phenol
4 non-polymer GLYCEROL
5 non-polymer DI(HYDROXYETHYL)ETHER
6 non-polymer 'MAGNESIUM ION'
7 water water
#
loop_
_entity_poly.entity_id
_entity_poly.type
_entity_poly.pdbx_seq_one_letter_code
_entity_poly.pdbx_strand_id
1 'polypeptide(L)'
;GAMGSMERASLIQKAKLAEQAERYEDMAAFMKGAVEKGEELS(CSO)EERNLLSVAYKNVVGGQRAAWRVLSSIEQKSNE
EGSEEKGPEVREYREKVETELQGVCDTVLGLLDSHLIKEAGDAESRVFYLKMKGDYYRYLAEVATGDDKKRIIDSARSAY
QEAMDISKKEMPPTNPIRLGLALNFSVFHYEIANSPEEAISLAKTTFDEAMADLHTLSEDSYKDSTLIMQLLRDNLTLWT
ADNAGEEGGEAPQEPQS
;
A
2 'polypeptide(L)' LVKHSQSRRPS(SEP)WRQEK P
#
loop_
_chem_comp.id
_chem_comp.type
_chem_comp.name
_chem_comp.formula
GOL non-polymer GLYCEROL 'C3 H8 O3'
MG non-polymer 'MAGNESIUM ION' 'Mg 2'
PEG non-polymer DI(HYDROXYETHYL)ETHER 'C4 H10 O3'
UPK non-polymer 2-(hydroxymethyl)-5-(2-phenylimidazol-1-yl)phenol 'C16 H12 N2 O2'
#
# COMPACT_ATOMS: atom_id res chain seq x y z
N ALA A 2 15.91 13.69 10.90
CA ALA A 2 15.47 15.08 11.14
C ALA A 2 14.81 15.21 12.51
N MET A 3 14.22 14.12 12.99
CA MET A 3 13.35 14.14 14.15
C MET A 3 14.01 13.55 15.37
N GLY A 4 15.34 13.44 15.34
CA GLY A 4 16.04 12.74 16.40
C GLY A 4 15.87 13.36 17.78
N SER A 5 15.64 14.67 17.84
N SER A 5 15.64 14.67 17.84
CA SER A 5 15.55 15.33 19.14
CA SER A 5 15.53 15.34 19.14
C SER A 5 14.13 15.34 19.72
C SER A 5 14.13 15.30 19.73
N MET A 6 13.12 14.87 18.97
CA MET A 6 11.75 14.82 19.49
C MET A 6 11.44 13.46 20.11
N GLU A 7 10.72 13.50 21.22
CA GLU A 7 10.26 12.27 21.87
C GLU A 7 9.39 11.41 20.95
N ARG A 8 9.56 10.09 21.06
CA ARG A 8 8.69 9.19 20.30
C ARG A 8 7.21 9.51 20.51
N ALA A 9 6.79 9.66 21.77
CA ALA A 9 5.36 9.87 21.99
C ALA A 9 4.91 11.18 21.37
N SER A 10 5.77 12.20 21.40
CA SER A 10 5.44 13.49 20.77
C SER A 10 5.31 13.36 19.24
N LEU A 11 6.22 12.61 18.62
CA LEU A 11 6.10 12.34 17.19
C LEU A 11 4.76 11.69 16.85
N ILE A 12 4.34 10.72 17.67
CA ILE A 12 3.07 10.04 17.42
C ILE A 12 1.92 11.02 17.57
N GLN A 13 1.95 11.83 18.64
CA GLN A 13 0.86 12.79 18.84
C GLN A 13 0.82 13.80 17.70
N LYS A 14 1.98 14.28 17.26
CA LYS A 14 2.02 15.20 16.11
C LYS A 14 1.57 14.53 14.82
N ALA A 15 1.90 13.25 14.61
CA ALA A 15 1.33 12.55 13.44
C ALA A 15 -0.20 12.55 13.47
N LYS A 16 -0.80 12.33 14.64
CA LYS A 16 -2.25 12.34 14.72
C LYS A 16 -2.79 13.73 14.41
N LEU A 17 -2.12 14.76 14.92
CA LEU A 17 -2.57 16.13 14.66
C LEU A 17 -2.45 16.48 13.17
N ALA A 18 -1.35 16.07 12.55
CA ALA A 18 -1.17 16.32 11.12
C ALA A 18 -2.24 15.62 10.32
N GLU A 19 -2.61 14.39 10.72
CA GLU A 19 -3.71 13.73 10.03
C GLU A 19 -4.98 14.57 10.12
N GLN A 20 -5.31 15.08 11.31
CA GLN A 20 -6.52 15.89 11.48
C GLN A 20 -6.47 17.13 10.60
N ALA A 21 -5.28 17.67 10.39
CA ALA A 21 -5.08 18.87 9.60
C ALA A 21 -4.84 18.58 8.12
N GLU A 22 -4.91 17.30 7.71
CA GLU A 22 -4.62 16.86 6.35
C GLU A 22 -3.25 17.36 5.88
N ARG A 23 -2.28 17.33 6.79
CA ARG A 23 -0.90 17.67 6.47
C ARG A 23 -0.11 16.37 6.39
N TYR A 24 -0.29 15.66 5.29
CA TYR A 24 0.22 14.28 5.22
C TYR A 24 1.73 14.21 5.03
N GLU A 25 2.33 15.20 4.36
N GLU A 25 2.34 15.20 4.35
CA GLU A 25 3.79 15.25 4.30
CA GLU A 25 3.80 15.24 4.29
C GLU A 25 4.38 15.37 5.69
C GLU A 25 4.37 15.37 5.70
N ASP A 26 3.83 16.27 6.52
CA ASP A 26 4.28 16.34 7.92
C ASP A 26 4.06 14.99 8.62
N MET A 27 2.89 14.43 8.40
CA MET A 27 2.54 13.22 9.16
C MET A 27 3.48 12.09 8.80
N ALA A 28 3.90 12.02 7.52
CA ALA A 28 4.88 11.02 7.09
C ALA A 28 6.23 11.27 7.73
N ALA A 29 6.64 12.53 7.80
CA ALA A 29 7.91 12.86 8.44
C ALA A 29 7.91 12.52 9.93
N PHE A 30 6.81 12.82 10.63
CA PHE A 30 6.69 12.48 12.05
C PHE A 30 6.74 10.96 12.24
N MET A 31 6.01 10.22 11.40
CA MET A 31 6.00 8.77 11.56
C MET A 31 7.35 8.15 11.15
N LYS A 32 8.05 8.72 10.16
CA LYS A 32 9.40 8.26 9.86
C LYS A 32 10.32 8.46 11.07
N GLY A 33 10.25 9.64 11.72
CA GLY A 33 10.98 9.84 12.97
C GLY A 33 10.63 8.82 14.03
N ALA A 34 9.33 8.50 14.16
CA ALA A 34 8.94 7.51 15.17
C ALA A 34 9.55 6.13 14.88
N VAL A 35 9.48 5.70 13.62
CA VAL A 35 10.10 4.43 13.24
C VAL A 35 11.58 4.43 13.58
N GLU A 36 12.29 5.51 13.23
CA GLU A 36 13.72 5.58 13.47
C GLU A 36 14.08 5.60 14.96
N LYS A 37 13.10 5.72 15.85
CA LYS A 37 13.41 5.54 17.26
C LYS A 37 13.82 4.11 17.56
N GLY A 38 13.48 3.17 16.70
CA GLY A 38 13.97 1.81 16.80
C GLY A 38 13.08 0.85 17.54
N GLU A 39 12.00 1.31 18.16
CA GLU A 39 11.03 0.41 18.79
C GLU A 39 10.02 -0.14 17.78
N GLU A 40 9.48 -1.32 18.07
CA GLU A 40 8.43 -1.84 17.22
C GLU A 40 7.22 -0.91 17.28
N LEU A 41 6.37 -1.00 16.24
CA LEU A 41 5.17 -0.15 16.18
C LEU A 41 3.95 -0.94 16.64
N SER A 42 3.06 -0.28 17.38
CA SER A 42 1.75 -0.86 17.74
C SER A 42 0.83 -0.91 16.51
N CSO A 43 -0.33 -1.57 16.65
CA CSO A 43 -1.29 -1.63 15.57
CB CSO A 43 -2.49 -2.46 16.04
SG CSO A 43 -3.84 -2.39 14.88
C CSO A 43 -1.71 -0.21 15.12
O CSO A 43 -1.73 0.11 13.91
OD CSO A 43 -4.83 -0.90 15.22
N GLU A 44 -2.04 0.65 16.07
CA GLU A 44 -2.42 2.02 15.76
C GLU A 44 -1.28 2.78 15.03
N GLU A 45 -0.06 2.60 15.52
CA GLU A 45 1.10 3.30 14.93
C GLU A 45 1.38 2.80 13.51
N ARG A 46 1.25 1.49 13.26
CA ARG A 46 1.41 1.01 11.90
C ARG A 46 0.40 1.67 10.99
N ASN A 47 -0.85 1.81 11.46
CA ASN A 47 -1.86 2.46 10.63
C ASN A 47 -1.49 3.91 10.35
N LEU A 48 -0.97 4.63 11.36
CA LEU A 48 -0.57 6.02 11.12
C LEU A 48 0.52 6.11 10.07
N LEU A 49 1.51 5.22 10.15
CA LEU A 49 2.60 5.19 9.16
C LEU A 49 2.06 4.96 7.76
N SER A 50 1.17 3.97 7.63
CA SER A 50 0.60 3.62 6.33
C SER A 50 -0.25 4.75 5.78
N VAL A 51 -1.15 5.31 6.59
CA VAL A 51 -2.01 6.40 6.10
C VAL A 51 -1.17 7.57 5.59
N ALA A 52 -0.14 7.95 6.33
CA ALA A 52 0.67 9.10 5.93
C ALA A 52 1.29 8.87 4.56
N TYR A 53 2.02 7.78 4.40
CA TYR A 53 2.72 7.60 3.14
C TYR A 53 1.76 7.27 2.01
N LYS A 54 0.64 6.62 2.30
CA LYS A 54 -0.29 6.34 1.22
C LYS A 54 -0.86 7.63 0.68
N ASN A 55 -1.14 8.59 1.56
CA ASN A 55 -1.66 9.85 1.07
C ASN A 55 -0.60 10.64 0.33
N VAL A 56 0.64 10.63 0.81
CA VAL A 56 1.70 11.35 0.10
C VAL A 56 1.90 10.78 -1.29
N VAL A 57 2.13 9.48 -1.38
CA VAL A 57 2.41 8.89 -2.68
C VAL A 57 1.15 8.91 -3.54
N GLY A 58 -0.04 8.89 -2.94
CA GLY A 58 -1.26 8.94 -3.72
C GLY A 58 -1.41 10.25 -4.47
N GLY A 59 -1.07 11.36 -3.82
CA GLY A 59 -1.03 12.63 -4.54
C GLY A 59 0.04 12.66 -5.61
N GLN A 60 1.21 12.07 -5.33
CA GLN A 60 2.23 12.01 -6.36
C GLN A 60 1.78 11.15 -7.53
N ARG A 61 1.17 9.99 -7.25
CA ARG A 61 0.69 9.16 -8.36
C ARG A 61 -0.35 9.90 -9.19
N ALA A 62 -1.27 10.61 -8.54
CA ALA A 62 -2.28 11.33 -9.30
C ALA A 62 -1.65 12.40 -10.17
N ALA A 63 -0.69 13.15 -9.62
CA ALA A 63 0.00 14.17 -10.43
C ALA A 63 0.78 13.51 -11.58
N TRP A 64 1.46 12.40 -11.31
CA TRP A 64 2.19 11.72 -12.38
C TRP A 64 1.26 11.30 -13.51
N ARG A 65 0.05 10.80 -13.17
CA ARG A 65 -0.85 10.36 -14.21
C ARG A 65 -1.35 11.52 -15.05
N VAL A 66 -1.65 12.66 -14.42
CA VAL A 66 -2.01 13.85 -15.20
C VAL A 66 -0.89 14.19 -16.17
N LEU A 67 0.34 14.28 -15.67
CA LEU A 67 1.47 14.72 -16.50
C LEU A 67 1.80 13.69 -17.57
N SER A 68 1.66 12.40 -17.25
N SER A 68 1.69 12.40 -17.26
CA SER A 68 1.93 11.38 -18.26
CA SER A 68 1.94 11.39 -18.28
C SER A 68 0.90 11.45 -19.38
C SER A 68 0.90 11.48 -19.39
N SER A 69 -0.36 11.72 -19.02
CA SER A 69 -1.43 11.90 -20.00
C SER A 69 -1.16 13.07 -20.92
N ILE A 70 -0.66 14.18 -20.36
CA ILE A 70 -0.33 15.33 -21.21
C ILE A 70 0.85 14.98 -22.12
N GLU A 71 1.84 14.27 -21.59
CA GLU A 71 3.03 13.94 -22.35
C GLU A 71 2.71 12.99 -23.50
N GLN A 72 1.82 12.02 -23.28
CA GLN A 72 1.42 11.13 -24.39
C GLN A 72 0.59 11.89 -25.43
N LYS A 73 -0.27 12.80 -25.00
CA LYS A 73 -0.96 13.64 -25.96
C LYS A 73 0.03 14.45 -26.80
N SER A 74 1.07 15.00 -26.17
CA SER A 74 2.02 15.81 -26.92
C SER A 74 2.92 14.99 -27.83
N ASN A 75 2.78 13.66 -27.87
CA ASN A 75 3.65 12.83 -28.70
C ASN A 75 2.93 12.13 -29.88
N GLY A 83 8.35 21.98 -26.64
CA GLY A 83 9.56 21.88 -25.82
C GLY A 83 9.64 20.69 -24.86
N PRO A 84 10.74 20.61 -24.12
CA PRO A 84 10.95 19.48 -23.22
C PRO A 84 10.28 19.61 -21.86
N GLU A 85 9.44 20.64 -21.62
CA GLU A 85 9.01 20.93 -20.27
C GLU A 85 8.11 19.83 -19.72
N VAL A 86 7.23 19.29 -20.56
CA VAL A 86 6.29 18.29 -20.03
C VAL A 86 7.05 17.05 -19.61
N ARG A 87 7.98 16.59 -20.45
CA ARG A 87 8.81 15.44 -20.07
C ARG A 87 9.62 15.78 -18.83
N GLU A 88 10.23 16.96 -18.81
CA GLU A 88 11.11 17.30 -17.69
C GLU A 88 10.34 17.32 -16.39
N TYR A 89 9.12 17.88 -16.41
CA TYR A 89 8.34 18.00 -15.17
C TYR A 89 7.77 16.64 -14.76
N ARG A 90 7.31 15.83 -15.72
CA ARG A 90 6.91 14.46 -15.38
C ARG A 90 8.08 13.70 -14.73
N GLU A 91 9.30 13.89 -15.24
CA GLU A 91 10.47 13.24 -14.65
C GLU A 91 10.73 13.71 -13.23
N LYS A 92 10.60 15.02 -12.99
CA LYS A 92 10.79 15.55 -11.64
C LYS A 92 9.82 14.90 -10.66
N VAL A 93 8.53 14.92 -11.02
CA VAL A 93 7.51 14.31 -10.18
C VAL A 93 7.79 12.84 -9.98
N GLU A 94 8.14 12.16 -11.06
CA GLU A 94 8.50 10.75 -11.00
C GLU A 94 9.67 10.50 -10.04
N THR A 95 10.70 11.34 -10.10
CA THR A 95 11.84 11.16 -9.20
C THR A 95 11.43 11.37 -7.73
N GLU A 96 10.54 12.32 -7.48
N GLU A 96 10.55 12.33 -7.50
CA GLU A 96 10.09 12.55 -6.11
CA GLU A 96 10.06 12.59 -6.14
C GLU A 96 9.26 11.39 -5.60
C GLU A 96 9.28 11.39 -5.62
N LEU A 97 8.38 10.86 -6.45
CA LEU A 97 7.63 9.65 -6.11
C LEU A 97 8.56 8.48 -5.81
N GLN A 98 9.56 8.24 -6.66
CA GLN A 98 10.48 7.13 -6.39
C GLN A 98 11.19 7.36 -5.09
N GLY A 99 11.51 8.62 -4.77
CA GLY A 99 12.21 8.87 -3.52
C GLY A 99 11.36 8.56 -2.30
N VAL A 100 10.07 8.88 -2.36
CA VAL A 100 9.15 8.54 -1.27
C VAL A 100 9.03 7.02 -1.15
N CYS A 101 8.89 6.32 -2.28
CA CYS A 101 8.76 4.88 -2.18
C CYS A 101 10.03 4.26 -1.61
N ASP A 102 11.19 4.73 -2.07
CA ASP A 102 12.46 4.22 -1.56
C ASP A 102 12.57 4.49 -0.07
N THR A 103 12.09 5.64 0.39
CA THR A 103 12.15 5.93 1.81
C THR A 103 11.31 4.93 2.61
N VAL A 104 10.08 4.66 2.16
CA VAL A 104 9.23 3.69 2.88
C VAL A 104 9.85 2.31 2.84
N LEU A 105 10.31 1.89 1.66
CA LEU A 105 10.95 0.58 1.55
C LEU A 105 12.18 0.50 2.44
N GLY A 106 12.90 1.60 2.61
CA GLY A 106 14.03 1.58 3.51
C GLY A 106 13.63 1.42 4.97
N LEU A 107 12.50 2.03 5.36
CA LEU A 107 12.02 1.84 6.72
C LEU A 107 11.62 0.39 6.94
N LEU A 108 10.94 -0.21 5.96
CA LEU A 108 10.54 -1.62 6.11
C LEU A 108 11.76 -2.50 6.25
N ASP A 109 12.78 -2.25 5.45
CA ASP A 109 14.00 -3.04 5.46
C ASP A 109 14.93 -2.74 6.64
N SER A 110 14.79 -1.58 7.27
CA SER A 110 15.66 -1.16 8.38
C SER A 110 14.82 -0.49 9.48
N HIS A 111 14.13 -1.26 10.32
CA HIS A 111 14.20 -2.72 10.39
C HIS A 111 12.83 -3.29 10.76
N LEU A 112 11.76 -2.71 10.22
CA LEU A 112 10.41 -3.07 10.64
C LEU A 112 10.14 -4.54 10.38
N ILE A 113 10.46 -5.01 9.17
CA ILE A 113 10.04 -6.33 8.79
C ILE A 113 10.80 -7.38 9.59
N LYS A 114 12.10 -7.17 9.78
CA LYS A 114 12.85 -8.25 10.40
C LYS A 114 12.47 -8.42 11.87
N GLU A 115 11.98 -7.36 12.53
CA GLU A 115 11.54 -7.49 13.90
C GLU A 115 10.06 -7.86 14.03
N ALA A 116 9.31 -7.97 12.93
CA ALA A 116 7.87 -8.23 12.99
C ALA A 116 7.63 -9.74 13.03
N GLY A 117 7.20 -10.25 14.18
CA GLY A 117 7.03 -11.69 14.36
C GLY A 117 5.61 -12.20 14.43
N ASP A 118 4.67 -11.33 14.81
CA ASP A 118 3.26 -11.69 14.83
C ASP A 118 2.67 -11.58 13.45
N ALA A 119 1.69 -12.44 13.15
CA ALA A 119 1.08 -12.40 11.81
C ALA A 119 0.55 -11.00 11.44
N GLU A 120 -0.10 -10.30 12.39
CA GLU A 120 -0.70 -9.01 12.07
C GLU A 120 0.36 -7.98 11.66
N SER A 121 1.49 -7.95 12.34
CA SER A 121 2.47 -6.94 11.91
C SER A 121 3.23 -7.38 10.67
N ARG A 122 3.60 -8.67 10.56
CA ARG A 122 4.40 -9.10 9.43
C ARG A 122 3.62 -8.98 8.12
N VAL A 123 2.34 -9.40 8.12
CA VAL A 123 1.51 -9.25 6.91
C VAL A 123 1.31 -7.77 6.60
N PHE A 124 1.09 -6.94 7.63
CA PHE A 124 0.93 -5.50 7.38
C PHE A 124 2.14 -4.92 6.65
N TYR A 125 3.35 -5.20 7.14
CA TYR A 125 4.54 -4.61 6.55
C TYR A 125 4.80 -5.18 5.17
N LEU A 126 4.53 -6.48 4.97
CA LEU A 126 4.83 -7.07 3.67
C LEU A 126 3.84 -6.58 2.62
N LYS A 127 2.59 -6.36 3.01
CA LYS A 127 1.65 -5.70 2.10
C LYS A 127 2.16 -4.31 1.71
N MET A 128 2.64 -3.54 2.69
CA MET A 128 3.26 -2.24 2.44
C MET A 128 4.40 -2.39 1.42
N LYS A 129 5.27 -3.38 1.64
CA LYS A 129 6.40 -3.58 0.72
C LYS A 129 5.90 -3.88 -0.70
N GLY A 130 4.90 -4.76 -0.82
CA GLY A 130 4.33 -5.02 -2.15
C GLY A 130 3.73 -3.77 -2.77
N ASP A 131 3.04 -2.97 -1.97
CA ASP A 131 2.43 -1.74 -2.49
C ASP A 131 3.48 -0.77 -3.01
N TYR A 132 4.54 -0.50 -2.23
CA TYR A 132 5.47 0.55 -2.69
C TYR A 132 6.32 0.07 -3.85
N TYR A 133 6.60 -1.23 -3.96
CA TYR A 133 7.16 -1.73 -5.21
C TYR A 133 6.15 -1.62 -6.35
N ARG A 134 4.86 -1.87 -6.08
CA ARG A 134 3.88 -1.68 -7.13
C ARG A 134 3.85 -0.24 -7.63
N TYR A 135 3.93 0.74 -6.72
CA TYR A 135 3.97 2.13 -7.18
C TYR A 135 5.24 2.42 -7.98
N LEU A 136 6.38 1.84 -7.57
CA LEU A 136 7.57 1.95 -8.42
C LEU A 136 7.33 1.31 -9.78
N ALA A 137 6.70 0.15 -9.82
CA ALA A 137 6.47 -0.51 -11.11
C ALA A 137 5.58 0.32 -12.02
N GLU A 138 4.64 1.10 -11.45
CA GLU A 138 3.72 1.89 -12.27
C GLU A 138 4.45 2.89 -13.16
N VAL A 139 5.60 3.39 -12.71
CA VAL A 139 6.38 4.38 -13.45
C VAL A 139 7.66 3.78 -14.05
N ALA A 140 7.90 2.48 -13.89
CA ALA A 140 9.16 1.89 -14.35
C ALA A 140 9.12 1.63 -15.86
N THR A 141 10.23 1.92 -16.55
CA THR A 141 10.32 1.64 -17.99
C THR A 141 11.67 1.12 -18.44
N GLY A 142 12.65 0.96 -17.55
CA GLY A 142 14.00 0.64 -17.94
C GLY A 142 14.39 -0.80 -17.66
N ASP A 143 15.71 -1.01 -17.50
CA ASP A 143 16.30 -2.33 -17.37
C ASP A 143 15.74 -3.11 -16.19
N ASP A 144 15.34 -2.43 -15.12
CA ASP A 144 14.96 -3.08 -13.88
C ASP A 144 13.45 -3.15 -13.68
N LYS A 145 12.63 -2.85 -14.70
CA LYS A 145 11.18 -2.93 -14.50
C LYS A 145 10.76 -4.34 -14.11
N LYS A 146 11.38 -5.36 -14.72
CA LYS A 146 11.00 -6.71 -14.37
C LYS A 146 11.39 -7.04 -12.95
N ARG A 147 12.55 -6.58 -12.48
CA ARG A 147 12.95 -6.91 -11.12
C ARG A 147 12.04 -6.21 -10.14
N ILE A 148 11.65 -4.96 -10.44
CA ILE A 148 10.72 -4.22 -9.57
C ILE A 148 9.40 -4.98 -9.43
N ILE A 149 8.85 -5.42 -10.57
CA ILE A 149 7.60 -6.20 -10.58
C ILE A 149 7.77 -7.47 -9.76
N ASP A 150 8.89 -8.17 -9.93
CA ASP A 150 9.06 -9.39 -9.15
C ASP A 150 9.23 -9.10 -7.67
N SER A 151 9.85 -7.97 -7.31
CA SER A 151 9.93 -7.63 -5.90
C SER A 151 8.54 -7.38 -5.30
N ALA A 152 7.68 -6.68 -6.05
CA ALA A 152 6.31 -6.51 -5.55
C ALA A 152 5.64 -7.88 -5.39
N ARG A 153 5.74 -8.71 -6.43
N ARG A 153 5.74 -8.71 -6.43
CA ARG A 153 5.09 -10.02 -6.39
CA ARG A 153 5.08 -10.02 -6.40
C ARG A 153 5.56 -10.83 -5.20
C ARG A 153 5.57 -10.84 -5.21
N SER A 154 6.88 -10.84 -4.96
CA SER A 154 7.42 -11.65 -3.90
C SER A 154 6.94 -11.21 -2.52
N ALA A 155 6.84 -9.90 -2.30
CA ALA A 155 6.36 -9.39 -1.01
C ALA A 155 4.89 -9.76 -0.79
N TYR A 156 4.06 -9.49 -1.78
CA TYR A 156 2.66 -9.87 -1.73
C TYR A 156 2.49 -11.35 -1.47
N GLN A 157 3.29 -12.18 -2.16
CA GLN A 157 3.16 -13.63 -2.06
C GLN A 157 3.49 -14.11 -0.65
N GLU A 158 4.59 -13.61 -0.07
CA GLU A 158 4.91 -13.99 1.31
C GLU A 158 3.79 -13.56 2.25
N ALA A 159 3.31 -12.34 2.10
CA ALA A 159 2.19 -11.86 2.91
C ALA A 159 0.96 -12.75 2.75
N MET A 160 0.59 -13.09 1.50
CA MET A 160 -0.51 -14.04 1.28
C MET A 160 -0.27 -15.34 2.00
N ASP A 161 0.91 -15.94 1.83
CA ASP A 161 1.15 -17.24 2.46
C ASP A 161 0.96 -17.16 3.98
N ILE A 162 1.45 -16.10 4.61
CA ILE A 162 1.28 -15.95 6.06
C ILE A 162 -0.18 -15.76 6.41
N SER A 163 -0.89 -14.90 5.67
CA SER A 163 -2.27 -14.58 6.03
C SER A 163 -3.16 -15.82 5.88
N LYS A 164 -2.88 -16.67 4.90
CA LYS A 164 -3.68 -17.87 4.77
C LYS A 164 -3.41 -18.86 5.91
N LYS A 165 -2.19 -18.91 6.42
CA LYS A 165 -1.87 -19.82 7.51
C LYS A 165 -2.37 -19.32 8.87
N GLU A 166 -2.38 -18.00 9.08
CA GLU A 166 -2.52 -17.46 10.41
C GLU A 166 -3.76 -16.62 10.64
N MET A 167 -4.52 -16.27 9.62
CA MET A 167 -5.61 -15.32 9.82
C MET A 167 -6.91 -15.91 9.31
N PRO A 168 -8.05 -15.60 9.92
CA PRO A 168 -9.32 -16.02 9.33
C PRO A 168 -9.55 -15.31 8.02
N PRO A 169 -10.38 -15.87 7.14
CA PRO A 169 -10.58 -15.26 5.81
C PRO A 169 -11.28 -13.93 5.84
N THR A 170 -11.86 -13.52 6.98
CA THR A 170 -12.48 -12.20 7.09
C THR A 170 -11.55 -11.12 7.67
N ASN A 171 -10.35 -11.50 8.10
CA ASN A 171 -9.47 -10.52 8.73
C ASN A 171 -9.22 -9.34 7.81
N PRO A 172 -9.46 -8.09 8.26
CA PRO A 172 -9.36 -6.94 7.33
C PRO A 172 -8.03 -6.85 6.61
N ILE A 173 -6.91 -7.10 7.29
CA ILE A 173 -5.64 -7.00 6.57
C ILE A 173 -5.50 -8.12 5.56
N ARG A 174 -6.01 -9.31 5.85
CA ARG A 174 -5.99 -10.39 4.85
C ARG A 174 -6.82 -10.00 3.62
N LEU A 175 -7.98 -9.36 3.85
CA LEU A 175 -8.83 -8.95 2.74
C LEU A 175 -8.19 -7.85 1.91
N GLY A 176 -7.68 -6.81 2.57
CA GLY A 176 -7.10 -5.71 1.82
C GLY A 176 -5.80 -6.07 1.13
N LEU A 177 -5.03 -6.99 1.73
CA LEU A 177 -3.87 -7.53 1.03
C LEU A 177 -4.30 -8.22 -0.26
N ALA A 178 -5.30 -9.09 -0.17
CA ALA A 178 -5.72 -9.82 -1.36
C ALA A 178 -6.29 -8.87 -2.41
N LEU A 179 -7.05 -7.87 -1.97
CA LEU A 179 -7.50 -6.80 -2.87
C LEU A 179 -6.34 -6.18 -3.64
N ASN A 180 -5.27 -5.77 -2.93
CA ASN A 180 -4.17 -5.07 -3.59
C ASN A 180 -3.35 -6.02 -4.45
N PHE A 181 -3.17 -7.27 -4.02
CA PHE A 181 -2.47 -8.24 -4.87
C PHE A 181 -3.26 -8.50 -6.14
N SER A 182 -4.60 -8.51 -6.03
N SER A 182 -4.59 -8.53 -6.02
CA SER A 182 -5.43 -8.66 -7.23
CA SER A 182 -5.43 -8.66 -7.21
C SER A 182 -5.27 -7.47 -8.15
C SER A 182 -5.24 -7.47 -8.14
N VAL A 183 -5.15 -6.26 -7.60
CA VAL A 183 -4.87 -5.09 -8.44
C VAL A 183 -3.49 -5.20 -9.07
N PHE A 184 -2.51 -5.70 -8.30
CA PHE A 184 -1.19 -5.97 -8.87
C PHE A 184 -1.32 -6.90 -10.10
N HIS A 185 -2.03 -8.03 -9.94
CA HIS A 185 -2.14 -8.94 -11.09
C HIS A 185 -2.76 -8.25 -12.29
N TYR A 186 -3.79 -7.44 -12.05
CA TYR A 186 -4.57 -6.88 -13.15
C TYR A 186 -3.79 -5.77 -13.84
N GLU A 187 -3.26 -4.84 -13.05
CA GLU A 187 -2.70 -3.62 -13.59
C GLU A 187 -1.22 -3.71 -13.91
N ILE A 188 -0.47 -4.53 -13.22
CA ILE A 188 0.99 -4.56 -13.32
C ILE A 188 1.45 -5.80 -14.05
N ALA A 189 1.00 -6.98 -13.61
CA ALA A 189 1.51 -8.26 -14.12
C ALA A 189 0.79 -8.72 -15.39
N ASN A 190 -0.17 -7.96 -15.88
CA ASN A 190 -0.92 -8.29 -17.09
C ASN A 190 -1.52 -9.70 -16.97
N SER A 191 -2.09 -9.97 -15.80
CA SER A 191 -2.70 -11.26 -15.50
C SER A 191 -4.13 -11.03 -15.01
N PRO A 192 -5.04 -10.56 -15.88
CA PRO A 192 -6.39 -10.26 -15.39
C PRO A 192 -7.13 -11.50 -14.90
N GLU A 193 -6.88 -12.67 -15.48
CA GLU A 193 -7.58 -13.85 -14.99
C GLU A 193 -7.15 -14.21 -13.57
N GLU A 194 -5.86 -14.09 -13.27
CA GLU A 194 -5.43 -14.27 -11.87
C GLU A 194 -6.07 -13.24 -10.96
N ALA A 195 -6.12 -11.99 -11.41
CA ALA A 195 -6.75 -10.93 -10.62
C ALA A 195 -8.20 -11.27 -10.28
N ILE A 196 -8.95 -11.69 -11.30
CA ILE A 196 -10.36 -12.00 -11.09
C ILE A 196 -10.52 -13.22 -10.18
N SER A 197 -9.72 -14.26 -10.40
N SER A 197 -9.74 -14.26 -10.43
CA SER A 197 -9.85 -15.48 -9.61
CA SER A 197 -9.84 -15.46 -9.60
C SER A 197 -9.48 -15.22 -8.15
C SER A 197 -9.56 -15.13 -8.14
N LEU A 198 -8.50 -14.37 -7.91
CA LEU A 198 -8.15 -14.03 -6.53
C LEU A 198 -9.26 -13.21 -5.87
N ALA A 199 -9.82 -12.24 -6.59
CA ALA A 199 -10.85 -11.43 -5.95
C ALA A 199 -12.08 -12.27 -5.65
N LYS A 200 -12.43 -13.22 -6.55
CA LYS A 200 -13.59 -14.08 -6.35
C LYS A 200 -13.41 -15.02 -5.17
N THR A 201 -12.28 -15.73 -5.13
CA THR A 201 -11.99 -16.66 -4.03
C THR A 201 -11.91 -15.93 -2.70
N THR A 202 -11.29 -14.76 -2.68
CA THR A 202 -11.19 -13.97 -1.44
C THR A 202 -12.57 -13.58 -0.95
N PHE A 203 -13.43 -13.13 -1.86
CA PHE A 203 -14.77 -12.68 -1.47
C PHE A 203 -15.59 -13.85 -0.92
N ASP A 204 -15.60 -14.97 -1.65
CA ASP A 204 -16.44 -16.11 -1.28
C ASP A 204 -16.00 -16.73 0.04
N GLU A 205 -14.69 -16.87 0.25
CA GLU A 205 -14.25 -17.43 1.52
C GLU A 205 -14.50 -16.48 2.68
N ALA A 206 -14.47 -15.17 2.43
CA ALA A 206 -14.84 -14.27 3.52
C ALA A 206 -16.32 -14.38 3.80
N MET A 207 -17.13 -14.40 2.74
N MET A 207 -17.14 -14.42 2.75
CA MET A 207 -18.58 -14.49 2.90
CA MET A 207 -18.58 -14.47 2.94
C MET A 207 -18.97 -15.65 3.81
C MET A 207 -18.99 -15.65 3.81
N ALA A 208 -18.32 -16.80 3.63
CA ALA A 208 -18.63 -18.00 4.40
C ALA A 208 -18.19 -17.93 5.84
N ASP A 209 -17.34 -16.97 6.20
CA ASP A 209 -16.85 -16.80 7.56
C ASP A 209 -17.54 -15.64 8.30
N LEU A 210 -18.42 -14.87 7.62
CA LEU A 210 -19.03 -13.70 8.23
C LEU A 210 -19.88 -14.08 9.44
N HIS A 211 -20.48 -15.26 9.43
CA HIS A 211 -21.35 -15.68 10.54
C HIS A 211 -20.61 -15.73 11.89
N THR A 212 -19.27 -15.82 11.88
CA THR A 212 -18.51 -15.92 13.13
C THR A 212 -18.28 -14.57 13.82
N LEU A 213 -18.66 -13.46 13.20
CA LEU A 213 -18.16 -12.14 13.57
C LEU A 213 -19.17 -11.35 14.38
N SER A 214 -18.66 -10.41 15.18
CA SER A 214 -19.47 -9.40 15.83
C SER A 214 -19.98 -8.39 14.82
N GLU A 215 -20.93 -7.55 15.26
CA GLU A 215 -21.45 -6.47 14.42
C GLU A 215 -20.33 -5.58 13.90
N ASP A 216 -19.45 -5.11 14.78
CA ASP A 216 -18.39 -4.21 14.31
C ASP A 216 -17.39 -4.91 13.39
N SER A 217 -17.02 -6.16 13.68
CA SER A 217 -16.10 -6.88 12.79
C SER A 217 -16.75 -7.15 11.44
N TYR A 218 -18.04 -7.52 11.45
CA TYR A 218 -18.81 -7.67 10.22
C TYR A 218 -18.75 -6.41 9.36
N LYS A 219 -18.91 -5.24 9.97
CA LYS A 219 -18.85 -3.99 9.21
C LYS A 219 -17.48 -3.78 8.60
N ASP A 220 -16.41 -4.03 9.37
CA ASP A 220 -15.04 -3.91 8.85
C ASP A 220 -14.82 -4.82 7.64
N SER A 221 -15.23 -6.09 7.76
CA SER A 221 -14.96 -7.06 6.67
C SER A 221 -15.83 -6.78 5.44
N THR A 222 -17.12 -6.52 5.64
CA THR A 222 -17.96 -6.32 4.46
C THR A 222 -17.58 -5.06 3.71
N LEU A 223 -17.03 -4.06 4.40
CA LEU A 223 -16.56 -2.87 3.69
C LEU A 223 -15.49 -3.21 2.65
N ILE A 224 -14.50 -4.00 3.05
CA ILE A 224 -13.45 -4.35 2.09
C ILE A 224 -13.98 -5.34 1.07
N MET A 225 -14.87 -6.25 1.48
CA MET A 225 -15.47 -7.11 0.47
C MET A 225 -16.16 -6.32 -0.64
N GLN A 226 -16.78 -5.19 -0.30
CA GLN A 226 -17.42 -4.36 -1.33
C GLN A 226 -16.40 -3.92 -2.38
N LEU A 227 -15.19 -3.57 -1.95
CA LEU A 227 -14.17 -3.17 -2.90
C LEU A 227 -13.79 -4.30 -3.85
N LEU A 228 -13.70 -5.53 -3.33
CA LEU A 228 -13.46 -6.68 -4.21
C LEU A 228 -14.58 -6.84 -5.22
N ARG A 229 -15.81 -6.70 -4.76
CA ARG A 229 -16.96 -6.78 -5.66
C ARG A 229 -16.93 -5.65 -6.69
N ASP A 230 -16.57 -4.43 -6.30
CA ASP A 230 -16.49 -3.34 -7.27
C ASP A 230 -15.52 -3.68 -8.38
N ASN A 231 -14.35 -4.24 -8.02
CA ASN A 231 -13.37 -4.60 -9.03
C ASN A 231 -13.89 -5.71 -9.93
N LEU A 232 -14.52 -6.73 -9.34
CA LEU A 232 -15.06 -7.81 -10.16
C LEU A 232 -16.06 -7.28 -11.18
N THR A 233 -16.90 -6.34 -10.76
CA THR A 233 -17.89 -5.72 -11.63
C THR A 233 -17.23 -4.95 -12.76
N LEU A 234 -16.13 -4.28 -12.43
CA LEU A 234 -15.40 -3.53 -13.43
C LEU A 234 -14.68 -4.45 -14.42
N TRP A 235 -14.18 -5.58 -13.94
CA TRP A 235 -13.32 -6.44 -14.74
C TRP A 235 -14.09 -7.48 -15.54
N THR A 236 -15.34 -7.71 -15.21
CA THR A 236 -16.12 -8.76 -15.85
C THR A 236 -17.44 -8.25 -16.38
N ARG B 9 -9.80 2.98 -13.49
CA ARG B 9 -8.86 2.31 -12.58
C ARG B 9 -9.62 1.44 -11.57
N PRO B 10 -8.97 0.38 -11.09
CA PRO B 10 -9.57 -0.43 -10.02
C PRO B 10 -9.26 0.10 -8.62
N SER B 11 -10.06 -0.35 -7.68
CA SER B 11 -9.91 0.12 -6.33
C SER B 11 -8.87 -0.73 -5.62
N SEP B 12 -7.79 -0.11 -5.15
CA SEP B 12 -6.93 -0.76 -4.17
CB SEP B 12 -5.47 -0.33 -4.32
OG SEP B 12 -5.41 1.08 -4.20
C SEP B 12 -7.46 -0.38 -2.82
O SEP B 12 -8.42 0.39 -2.73
P SEP B 12 -3.95 1.69 -4.55
O1P SEP B 12 -3.68 1.49 -6.08
O2P SEP B 12 -4.15 3.25 -4.21
O3P SEP B 12 -2.89 1.03 -3.59
N TRP B 13 -6.85 -0.86 -1.74
CA TRP B 13 -7.44 -0.61 -0.44
C TRP B 13 -7.37 0.87 -0.11
N ARG B 14 -8.45 1.38 0.48
CA ARG B 14 -8.49 2.77 0.93
C ARG B 14 -9.47 2.87 2.09
N GLN B 15 -9.25 3.87 2.95
CA GLN B 15 -10.11 4.12 4.12
C GLN B 15 -11.56 4.44 3.74
C02 UPK C . -4.04 -2.31 4.19
C03 UPK C . -5.19 -2.24 5.22
C04 UPK C . -6.19 -3.16 5.16
C06 UPK C . -7.25 -3.14 6.08
C07 UPK C . -5.21 -1.25 6.19
C08 UPK C . -6.28 -1.23 7.10
C09 UPK C . -7.27 -2.15 7.04
C11 UPK C . -8.37 -2.31 9.33
C12 UPK C . -7.08 -2.56 10.20
C13 UPK C . -6.11 -3.53 9.75
C14 UPK C . -4.99 -3.76 10.51
C15 UPK C . -4.81 -3.06 11.72
C16 UPK C . -5.78 -2.13 12.14
C17 UPK C . -6.92 -1.88 11.38
C19 UPK C . -10.47 -2.01 8.77
C20 UPK C . -9.66 -1.96 7.60
N10 UPK C . -8.41 -2.13 7.97
N18 UPK C . -9.67 -2.24 9.82
O05 UPK C . -6.18 -4.13 4.24
C02 UPK D . -16.81 -14.13 -10.87
C03 UPK D . -17.82 -13.00 -10.67
C04 UPK D . -18.76 -13.07 -9.69
C06 UPK D . -19.70 -12.03 -9.53
C07 UPK D . -17.78 -11.90 -11.50
C08 UPK D . -18.72 -10.86 -11.33
C09 UPK D . -19.66 -10.94 -10.36
C11 UPK D . -21.77 -9.53 -9.59
C12 UPK D . -22.67 -10.37 -8.56
C13 UPK D . -23.70 -9.60 -7.91
C14 UPK D . -24.55 -10.19 -7.01
C15 UPK D . -24.39 -11.56 -6.73
C16 UPK D . -23.39 -12.33 -7.36
C17 UPK D . -22.53 -11.70 -8.29
C19 UPK D . -21.31 -7.74 -10.80
C20 UPK D . -20.31 -8.72 -11.01
N10 UPK D . -20.59 -9.78 -10.29
N18 UPK D . -22.18 -8.26 -9.94
O05 UPK D . -18.81 -14.13 -8.89
C02 UPK E . 6.90 19.52 18.02
C03 UPK E . 7.75 20.50 17.19
C04 UPK E . 7.36 20.90 15.94
C06 UPK E . 8.17 21.80 15.23
C07 UPK E . 8.93 20.98 17.73
C08 UPK E . 9.74 21.88 16.99
C09 UPK E . 9.36 22.27 15.76
C11 UPK E . 11.00 22.98 13.89
C12 UPK E . 11.23 21.58 13.12
C13 UPK E . 12.43 20.83 13.37
C14 UPK E . 12.65 19.64 12.71
C15 UPK E . 11.70 19.16 11.78
C16 UPK E . 10.53 19.89 11.53
C17 UPK E . 10.32 21.12 12.21
C19 UPK E . 11.19 25.13 14.38
C20 UPK E . 10.32 24.52 15.31
N10 UPK E . 10.20 23.24 15.01
N18 UPK E . 11.60 24.18 13.53
O05 UPK E . 6.23 20.46 15.37
C1 GOL F . -8.12 2.17 10.53
O1 GOL F . -8.81 1.16 11.18
C2 GOL F . -7.97 1.71 9.06
O2 GOL F . -9.15 1.86 8.32
C3 GOL F . -6.78 2.52 8.48
O3 GOL F . -7.16 3.84 8.35
C1 GOL G . -22.34 -8.52 2.48
O1 GOL G . -22.94 -9.71 2.96
C2 GOL G . -21.65 -8.84 1.11
O2 GOL G . -22.38 -8.47 -0.08
C3 GOL G . -20.22 -8.20 1.20
O3 GOL G . -20.30 -6.80 0.96
C1 PEG H . 12.65 9.31 -13.48
O1 PEG H . 13.04 8.68 -12.29
C2 PEG H . 12.99 8.38 -14.64
O2 PEG H . 12.26 8.67 -15.80
C3 PEG H . 12.49 7.78 -16.87
C4 PEG H . 11.32 6.81 -17.06
O4 PEG H . 10.66 6.92 -18.29
C1 PEG I . 18.76 -3.72 6.02
O1 PEG I . 19.31 -2.91 7.06
C2 PEG I . 18.51 -5.20 6.38
O2 PEG I . 17.45 -5.75 5.62
C3 PEG I . 16.81 -6.95 6.04
C4 PEG I . 15.31 -6.72 6.34
O4 PEG I . 14.47 -7.84 6.29
MG MG J . 9.07 -8.54 17.36
#